data_1ZS9
#
_entry.id   1ZS9
#
_cell.length_a   54.017
_cell.length_b   57.546
_cell.length_c   87.318
_cell.angle_alpha   90.00
_cell.angle_beta   90.00
_cell.angle_gamma   90.00
#
_symmetry.space_group_name_H-M   'P 21 21 21'
#
loop_
_entity.id
_entity.type
_entity.pdbx_description
1 polymer 'E-1 ENZYME'
2 non-polymer 'MAGNESIUM ION'
3 water water
#
_entity_poly.entity_id   1
_entity_poly.type   'polypeptide(L)'
_entity_poly.pdbx_seq_one_letter_code
;(MSE)VVLSVPAEVTVILLDIEGTTTPIAFVKDILFPYIEENVKEYLQTHWEEEECQQDVSLLRKQAEEDAHLDGAVPIP
AASGNGVDDLQQ(MSE)IQAVVDNVCWQ(MSE)SLDRKTTALKQLQGH(MSE)WRAAFTAGR(MSE)KAEFFADVVPAVR
KWREAG(MSE)KVYIYSSGSVEAQKLLFGHSTEGDILELVDGHFDTKIGHKVESESYRKIADSIGCSTNNILFLTDVTRE
ASAAEEADVHVAVVVRPGNAGLTDDEKTYYSLITSFSELYLPSST
;
_entity_poly.pdbx_strand_id   A
#
loop_
_chem_comp.id
_chem_comp.type
_chem_comp.name
_chem_comp.formula
MG non-polymer 'MAGNESIUM ION' 'Mg 2'
#
# COMPACT_ATOMS: atom_id res chain seq x y z
N LEU A 4 13.56 15.42 -13.97
CA LEU A 4 14.47 15.00 -15.07
C LEU A 4 15.89 14.84 -14.50
N SER A 5 16.60 15.93 -14.23
CA SER A 5 17.96 15.81 -13.65
C SER A 5 17.93 15.96 -12.12
N VAL A 6 18.45 14.98 -11.41
CA VAL A 6 18.43 15.03 -9.95
C VAL A 6 19.53 15.87 -9.33
N PRO A 7 19.18 16.69 -8.33
CA PRO A 7 20.21 17.52 -7.69
C PRO A 7 21.32 16.63 -7.13
N ALA A 8 22.53 17.16 -7.07
CA ALA A 8 23.67 16.43 -6.56
C ALA A 8 23.49 15.93 -5.13
N GLU A 9 22.74 16.70 -4.34
CA GLU A 9 22.53 16.35 -2.94
C GLU A 9 21.58 15.17 -2.70
N VAL A 10 20.91 14.69 -3.74
CA VAL A 10 20.00 13.57 -3.51
C VAL A 10 20.75 12.24 -3.44
N THR A 11 20.47 11.48 -2.39
CA THR A 11 21.11 10.20 -2.17
C THR A 11 20.03 9.14 -2.00
N VAL A 12 18.77 9.58 -1.97
CA VAL A 12 17.64 8.68 -1.75
C VAL A 12 16.47 8.96 -2.66
N ILE A 13 15.89 7.91 -3.22
CA ILE A 13 14.70 8.07 -4.03
C ILE A 13 13.59 7.39 -3.23
N LEU A 14 12.53 8.11 -2.98
CA LEU A 14 11.39 7.62 -2.22
C LEU A 14 10.27 7.43 -3.24
N LEU A 15 9.71 6.23 -3.28
CA LEU A 15 8.69 5.89 -4.27
C LEU A 15 7.31 5.60 -3.75
N ASP A 16 6.31 6.26 -4.34
CA ASP A 16 4.92 5.97 -4.06
C ASP A 16 4.70 4.70 -4.90
N ILE A 17 3.61 3.97 -4.66
CA ILE A 17 3.30 2.72 -5.38
C ILE A 17 2.16 2.95 -6.39
N GLU A 18 0.92 3.07 -5.90
CA GLU A 18 -0.23 3.25 -6.78
C GLU A 18 -0.16 4.52 -7.66
N GLY A 19 -0.32 4.32 -8.96
CA GLY A 19 -0.25 5.42 -9.91
C GLY A 19 1.17 5.86 -10.17
N THR A 20 2.14 5.23 -9.51
CA THR A 20 3.54 5.61 -9.69
C THR A 20 4.37 4.47 -10.23
N THR A 21 4.49 3.37 -9.48
CA THR A 21 5.23 2.18 -9.96
C THR A 21 4.25 1.16 -10.49
N THR A 22 3.00 1.30 -10.06
CA THR A 22 1.98 0.31 -10.33
C THR A 22 0.69 0.99 -10.78
N PRO A 23 0.02 0.42 -11.79
CA PRO A 23 -1.22 1.08 -12.22
C PRO A 23 -2.35 1.08 -11.21
N ILE A 24 -3.10 2.18 -11.22
CA ILE A 24 -4.24 2.30 -10.33
C ILE A 24 -5.18 1.13 -10.54
N ALA A 25 -5.33 0.72 -11.80
CA ALA A 25 -6.22 -0.39 -12.13
C ALA A 25 -5.86 -1.68 -11.41
N PHE A 26 -4.56 -1.96 -11.23
CA PHE A 26 -4.19 -3.18 -10.51
C PHE A 26 -4.66 -3.11 -9.05
N VAL A 27 -4.39 -1.99 -8.38
CA VAL A 27 -4.78 -1.83 -6.97
C VAL A 27 -6.30 -1.82 -6.78
N LYS A 28 -6.98 -0.97 -7.53
CA LYS A 28 -8.42 -0.83 -7.38
C LYS A 28 -9.28 -1.95 -7.93
N ASP A 29 -8.84 -2.57 -9.01
CA ASP A 29 -9.65 -3.59 -9.67
C ASP A 29 -9.21 -5.02 -9.49
N ILE A 30 -8.02 -5.22 -8.94
CA ILE A 30 -7.52 -6.55 -8.73
C ILE A 30 -7.14 -6.84 -7.27
N LEU A 31 -6.20 -6.07 -6.73
CA LEU A 31 -5.73 -6.29 -5.37
C LEU A 31 -6.81 -6.22 -4.30
N PHE A 32 -7.60 -5.15 -4.30
CA PHE A 32 -8.64 -5.07 -3.30
C PHE A 32 -9.87 -5.94 -3.56
N PRO A 33 -10.36 -6.00 -4.83
CA PRO A 33 -11.53 -6.86 -5.07
C PRO A 33 -11.25 -8.32 -4.71
N TYR A 34 -9.98 -8.71 -4.79
CA TYR A 34 -9.61 -10.08 -4.44
C TYR A 34 -10.06 -10.42 -3.01
N ILE A 35 -9.93 -9.45 -2.12
CA ILE A 35 -10.31 -9.70 -0.74
C ILE A 35 -11.80 -10.03 -0.64
N GLU A 36 -12.65 -9.22 -1.26
CA GLU A 36 -14.08 -9.49 -1.19
C GLU A 36 -14.43 -10.85 -1.77
N GLU A 37 -13.80 -11.23 -2.88
CA GLU A 37 -14.08 -12.50 -3.53
C GLU A 37 -13.63 -13.71 -2.74
N ASN A 38 -12.64 -13.50 -1.90
CA ASN A 38 -12.04 -14.61 -1.17
C ASN A 38 -12.16 -14.72 0.32
N VAL A 39 -12.71 -13.69 0.96
CA VAL A 39 -12.75 -13.76 2.40
C VAL A 39 -13.55 -14.93 2.96
N LYS A 40 -14.68 -15.27 2.37
CA LYS A 40 -15.45 -16.39 2.92
C LYS A 40 -14.68 -17.71 2.83
N GLU A 41 -14.13 -18.03 1.65
CA GLU A 41 -13.38 -19.28 1.43
C GLU A 41 -12.17 -19.32 2.38
N TYR A 42 -11.48 -18.19 2.48
CA TYR A 42 -10.29 -18.08 3.30
C TYR A 42 -10.65 -18.40 4.76
N LEU A 43 -11.68 -17.75 5.28
CA LEU A 43 -12.07 -17.99 6.66
C LEU A 43 -12.55 -19.44 6.86
N GLN A 44 -13.28 -19.98 5.88
CA GLN A 44 -13.76 -21.37 6.03
C GLN A 44 -12.57 -22.33 6.06
N THR A 45 -11.59 -22.07 5.21
CA THR A 45 -10.41 -22.95 5.11
C THR A 45 -9.44 -22.87 6.28
N HIS A 46 -9.21 -21.66 6.77
CA HIS A 46 -8.23 -21.42 7.81
C HIS A 46 -8.69 -21.03 9.19
N TRP A 47 -9.99 -21.19 9.44
CA TRP A 47 -10.57 -20.84 10.73
C TRP A 47 -9.81 -21.33 11.95
N GLU A 48 -9.38 -22.60 11.92
CA GLU A 48 -8.65 -23.20 13.03
C GLU A 48 -7.20 -22.68 13.23
N GLU A 49 -6.61 -22.04 12.22
CA GLU A 49 -5.26 -21.50 12.38
C GLU A 49 -5.21 -20.46 13.50
N GLU A 50 -4.18 -20.52 14.35
CA GLU A 50 -4.05 -19.55 15.42
C GLU A 50 -4.05 -18.11 14.88
N GLU A 51 -3.33 -17.88 13.78
CA GLU A 51 -3.28 -16.54 13.22
C GLU A 51 -4.68 -16.06 12.80
N CYS A 52 -5.47 -16.97 12.22
CA CYS A 52 -6.83 -16.59 11.80
C CYS A 52 -7.70 -16.26 13.01
N GLN A 53 -7.60 -17.08 14.08
CA GLN A 53 -8.37 -16.84 15.31
C GLN A 53 -7.98 -15.44 15.83
N GLN A 54 -6.68 -15.12 15.80
CA GLN A 54 -6.23 -13.78 16.26
C GLN A 54 -6.79 -12.65 15.38
N ASP A 55 -6.76 -12.85 14.07
CA ASP A 55 -7.31 -11.85 13.14
C ASP A 55 -8.80 -11.61 13.42
N VAL A 56 -9.55 -12.69 13.61
CA VAL A 56 -10.98 -12.62 13.85
C VAL A 56 -11.27 -11.91 15.20
N SER A 57 -10.45 -12.20 16.19
CA SER A 57 -10.60 -11.55 17.49
C SER A 57 -10.40 -10.04 17.31
N LEU A 58 -9.44 -9.65 16.48
CA LEU A 58 -9.22 -8.23 16.27
C LEU A 58 -10.43 -7.58 15.58
N LEU A 59 -11.00 -8.27 14.60
CA LEU A 59 -12.16 -7.77 13.89
C LEU A 59 -13.36 -7.76 14.85
N ARG A 60 -13.45 -8.75 15.74
CA ARG A 60 -14.56 -8.76 16.70
C ARG A 60 -14.49 -7.54 17.61
N LYS A 61 -13.29 -7.22 18.08
CA LYS A 61 -13.09 -6.05 18.95
C LYS A 61 -13.44 -4.78 18.19
N GLN A 62 -13.00 -4.69 16.94
CA GLN A 62 -13.28 -3.53 16.11
C GLN A 62 -14.79 -3.40 15.89
N ALA A 63 -15.46 -4.53 15.65
CA ALA A 63 -16.92 -4.53 15.43
C ALA A 63 -17.65 -4.00 16.67
N GLU A 64 -17.12 -4.27 17.86
CA GLU A 64 -17.74 -3.76 19.09
C GLU A 64 -17.58 -2.25 19.18
N GLU A 65 -16.41 -1.77 18.80
CA GLU A 65 -16.13 -0.34 18.83
C GLU A 65 -16.97 0.43 17.80
N ASP A 66 -17.32 -0.23 16.70
CA ASP A 66 -18.10 0.39 15.62
C ASP A 66 -19.61 0.16 15.79
N ALA A 67 -20.02 -0.55 16.82
CA ALA A 67 -21.44 -0.85 17.00
C ALA A 67 -22.41 0.32 16.94
N HIS A 68 -21.95 1.52 17.29
CA HIS A 68 -22.80 2.71 17.28
C HIS A 68 -23.04 3.31 15.91
N LEU A 69 -22.29 2.85 14.92
CA LEU A 69 -22.41 3.40 13.58
C LEU A 69 -23.64 2.90 12.83
N ASP A 70 -24.30 3.78 12.08
CA ASP A 70 -25.47 3.37 11.30
C ASP A 70 -24.93 2.41 10.24
N GLY A 71 -25.51 1.22 10.14
CA GLY A 71 -25.05 0.28 9.13
C GLY A 71 -23.96 -0.66 9.60
N ALA A 72 -23.51 -0.48 10.83
CA ALA A 72 -22.45 -1.33 11.39
C ALA A 72 -22.92 -2.78 11.39
N VAL A 73 -22.00 -3.67 11.06
CA VAL A 73 -22.29 -5.11 11.03
C VAL A 73 -21.65 -5.71 12.27
N PRO A 74 -22.46 -6.33 13.17
CA PRO A 74 -21.87 -6.93 14.37
C PRO A 74 -21.22 -8.27 14.10
N ILE A 75 -20.30 -8.65 14.98
CA ILE A 75 -19.71 -9.96 14.89
C ILE A 75 -20.05 -10.57 16.25
N PRO A 76 -21.27 -11.11 16.36
CA PRO A 76 -21.88 -11.76 17.54
C PRO A 76 -21.03 -12.85 18.16
N ALA A 77 -21.34 -13.15 19.42
CA ALA A 77 -20.66 -14.21 20.13
C ALA A 77 -21.28 -15.46 19.55
N ALA A 78 -20.53 -16.55 19.50
CA ALA A 78 -21.08 -17.79 18.94
C ALA A 78 -22.22 -18.34 19.81
N SER A 79 -23.12 -19.05 19.15
CA SER A 79 -24.28 -19.66 19.76
C SER A 79 -23.94 -21.05 20.32
N GLY A 80 -22.96 -21.68 19.68
CA GLY A 80 -22.49 -23.00 20.07
C GLY A 80 -21.20 -23.19 19.31
N ASN A 81 -20.71 -24.42 19.18
CA ASN A 81 -19.49 -24.61 18.42
C ASN A 81 -19.66 -25.66 17.32
N GLY A 82 -20.86 -25.73 16.74
CA GLY A 82 -21.12 -26.70 15.67
C GLY A 82 -20.87 -26.05 14.33
N VAL A 83 -20.87 -26.83 13.25
CA VAL A 83 -20.61 -26.28 11.91
C VAL A 83 -21.63 -25.22 11.48
N ASP A 84 -22.85 -25.35 12.03
CA ASP A 84 -23.91 -24.41 11.75
C ASP A 84 -23.59 -23.08 12.44
N ASP A 85 -23.14 -23.13 13.69
CA ASP A 85 -22.76 -21.90 14.40
C ASP A 85 -21.58 -21.28 13.66
N LEU A 86 -20.65 -22.13 13.18
CA LEU A 86 -19.49 -21.58 12.46
C LEU A 86 -19.90 -20.88 11.17
N GLN A 87 -20.81 -21.49 10.45
CA GLN A 87 -21.31 -20.89 9.22
C GLN A 87 -21.82 -19.48 9.46
N GLN A 88 -22.64 -19.30 10.50
CA GLN A 88 -23.18 -18.00 10.82
C GLN A 88 -22.09 -17.03 11.24
N MSE A 89 -21.12 -17.51 12.02
CA MSE A 89 -20.03 -16.67 12.49
C MSE A 89 -19.21 -16.18 11.28
O MSE A 89 -18.91 -14.99 11.14
CB MSE A 89 -19.11 -17.43 13.45
CG MSE A 89 -17.89 -16.66 13.87
SE MSE A 89 -18.36 -15.19 14.98
CE MSE A 89 -18.90 -16.12 16.59
N ILE A 90 -18.85 -17.10 10.40
CA ILE A 90 -18.10 -16.72 9.21
C ILE A 90 -18.86 -15.69 8.39
N GLN A 91 -20.17 -15.87 8.22
CA GLN A 91 -20.93 -14.93 7.42
C GLN A 91 -20.88 -13.54 8.07
N ALA A 92 -20.90 -13.49 9.39
CA ALA A 92 -20.85 -12.20 10.08
C ALA A 92 -19.49 -11.52 9.85
N VAL A 93 -18.42 -12.30 9.90
CA VAL A 93 -17.08 -11.71 9.70
C VAL A 93 -17.00 -11.23 8.25
N VAL A 94 -17.52 -12.05 7.34
CA VAL A 94 -17.49 -11.69 5.91
C VAL A 94 -18.27 -10.39 5.72
N ASP A 95 -19.49 -10.33 6.25
CA ASP A 95 -20.33 -9.13 6.08
C ASP A 95 -19.68 -7.90 6.68
N ASN A 96 -18.98 -8.10 7.80
CA ASN A 96 -18.34 -6.99 8.45
C ASN A 96 -17.17 -6.48 7.64
N VAL A 97 -16.39 -7.41 7.10
CA VAL A 97 -15.24 -7.04 6.27
C VAL A 97 -15.74 -6.27 5.04
N CYS A 98 -16.79 -6.78 4.41
CA CYS A 98 -17.32 -6.13 3.20
C CYS A 98 -17.85 -4.73 3.54
N TRP A 99 -18.53 -4.62 4.68
CA TRP A 99 -19.06 -3.32 5.11
C TRP A 99 -17.91 -2.35 5.34
N GLN A 100 -16.87 -2.75 6.09
CA GLN A 100 -15.73 -1.86 6.32
C GLN A 100 -15.12 -1.41 5.00
N MSE A 101 -14.95 -2.36 4.08
CA MSE A 101 -14.37 -2.01 2.80
C MSE A 101 -15.29 -1.06 2.00
O MSE A 101 -14.79 -0.18 1.30
CB MSE A 101 -14.05 -3.29 2.01
CG MSE A 101 -12.87 -4.07 2.59
SE MSE A 101 -12.38 -5.64 1.59
CE MSE A 101 -11.74 -4.79 -0.02
N SER A 102 -16.60 -1.24 2.11
CA SER A 102 -17.57 -0.40 1.37
C SER A 102 -17.54 1.03 1.87
N LEU A 103 -17.21 1.20 3.14
CA LEU A 103 -17.09 2.54 3.71
C LEU A 103 -15.65 2.87 3.39
N ASP A 104 -15.08 3.89 4.01
CA ASP A 104 -13.69 4.22 3.74
C ASP A 104 -12.87 2.93 3.73
N LYS A 106 -10.13 2.16 6.97
CA LYS A 106 -9.10 1.13 6.88
C LYS A 106 -8.43 0.84 8.23
N THR A 107 -9.17 0.13 9.06
CA THR A 107 -8.73 -0.23 10.41
C THR A 107 -7.57 -1.24 10.43
N THR A 108 -6.88 -1.31 11.56
CA THR A 108 -5.79 -2.24 11.69
C THR A 108 -6.34 -3.66 11.60
N ALA A 109 -7.54 -3.87 12.14
CA ALA A 109 -8.12 -5.21 12.09
C ALA A 109 -8.36 -5.61 10.65
N LEU A 110 -8.90 -4.71 9.84
CA LEU A 110 -9.14 -5.08 8.43
C LEU A 110 -7.83 -5.34 7.69
N LYS A 111 -6.88 -4.42 7.84
CA LYS A 111 -5.60 -4.54 7.12
C LYS A 111 -4.86 -5.79 7.50
N GLN A 112 -4.97 -6.17 8.78
CA GLN A 112 -4.28 -7.36 9.24
C GLN A 112 -4.76 -8.61 8.51
N LEU A 113 -6.07 -8.82 8.46
CA LEU A 113 -6.63 -9.97 7.74
C LEU A 113 -6.27 -9.87 6.26
N GLN A 114 -6.42 -8.68 5.68
CA GLN A 114 -6.09 -8.51 4.26
C GLN A 114 -4.66 -8.97 3.95
N GLY A 115 -3.70 -8.53 4.76
CA GLY A 115 -2.31 -8.90 4.56
C GLY A 115 -2.11 -10.40 4.60
N HIS A 116 -2.83 -11.08 5.50
CA HIS A 116 -2.65 -12.53 5.56
C HIS A 116 -3.31 -13.24 4.37
N MSE A 117 -4.42 -12.68 3.86
CA MSE A 117 -5.08 -13.22 2.68
C MSE A 117 -4.21 -13.01 1.44
O MSE A 117 -4.10 -13.90 0.59
CB MSE A 117 -6.46 -12.55 2.49
CG MSE A 117 -7.48 -13.07 3.50
SE MSE A 117 -9.20 -12.21 3.32
CE MSE A 117 -9.56 -12.76 1.55
N TRP A 118 -3.59 -11.84 1.34
CA TRP A 118 -2.72 -11.55 0.21
C TRP A 118 -1.48 -12.42 0.28
N ARG A 119 -1.03 -12.73 1.49
CA ARG A 119 0.16 -13.58 1.62
C ARG A 119 -0.13 -14.89 0.89
N ALA A 120 -1.33 -15.45 1.06
CA ALA A 120 -1.67 -16.70 0.37
C ALA A 120 -1.81 -16.50 -1.14
N ALA A 121 -2.47 -15.42 -1.54
CA ALA A 121 -2.63 -15.16 -2.97
C ALA A 121 -1.28 -15.04 -3.68
N PHE A 122 -0.37 -14.24 -3.13
CA PHE A 122 0.92 -14.05 -3.80
C PHE A 122 1.87 -15.23 -3.64
N THR A 123 1.94 -15.80 -2.44
CA THR A 123 2.87 -16.91 -2.24
C THR A 123 2.47 -18.12 -3.08
N ALA A 124 1.18 -18.30 -3.31
CA ALA A 124 0.71 -19.45 -4.08
C ALA A 124 0.69 -19.19 -5.59
N GLY A 125 1.11 -18.01 -6.00
CA GLY A 125 1.12 -17.68 -7.42
C GLY A 125 -0.25 -17.42 -8.04
N ARG A 126 -1.24 -17.07 -7.22
CA ARG A 126 -2.56 -16.82 -7.78
C ARG A 126 -2.59 -15.43 -8.43
N MSE A 127 -1.82 -14.50 -7.86
CA MSE A 127 -1.73 -13.12 -8.35
C MSE A 127 -0.31 -12.65 -8.38
O MSE A 127 0.51 -13.14 -7.61
CB MSE A 127 -2.41 -12.14 -7.39
CG MSE A 127 -3.88 -12.14 -7.38
SE MSE A 127 -4.39 -10.45 -6.62
CE MSE A 127 -4.08 -10.75 -4.73
N LYS A 128 -0.01 -11.68 -9.25
CA LYS A 128 1.32 -11.07 -9.30
C LYS A 128 1.14 -9.57 -9.18
N ALA A 129 2.11 -8.86 -8.62
CA ALA A 129 1.98 -7.42 -8.48
C ALA A 129 2.42 -6.75 -9.80
N GLU A 130 1.55 -5.94 -10.37
CA GLU A 130 1.87 -5.31 -11.65
C GLU A 130 2.77 -4.06 -11.54
N PHE A 131 3.89 -4.03 -12.24
CA PHE A 131 4.75 -2.83 -12.25
C PHE A 131 4.88 -2.36 -13.68
N PHE A 132 4.94 -1.04 -13.90
CA PHE A 132 5.12 -0.54 -15.26
C PHE A 132 6.52 -1.00 -15.69
N ALA A 133 6.67 -1.35 -16.96
CA ALA A 133 7.94 -1.90 -17.45
C ALA A 133 9.20 -1.06 -17.26
N ASP A 134 9.07 0.25 -17.14
CA ASP A 134 10.23 1.13 -16.96
C ASP A 134 10.74 1.18 -15.52
N VAL A 135 9.95 0.69 -14.57
CA VAL A 135 10.37 0.75 -13.17
C VAL A 135 11.62 -0.05 -12.76
N VAL A 136 11.60 -1.36 -12.93
CA VAL A 136 12.73 -2.17 -12.51
C VAL A 136 14.06 -1.79 -13.16
N PRO A 137 14.07 -1.59 -14.48
CA PRO A 137 15.38 -1.23 -15.03
C PRO A 137 15.96 0.10 -14.50
N ALA A 138 15.12 1.11 -14.32
CA ALA A 138 15.60 2.39 -13.81
C ALA A 138 16.10 2.24 -12.37
N VAL A 139 15.34 1.54 -11.55
CA VAL A 139 15.71 1.34 -10.15
C VAL A 139 17.07 0.63 -10.03
N ARG A 140 17.28 -0.41 -10.85
CA ARG A 140 18.55 -1.12 -10.83
C ARG A 140 19.67 -0.18 -11.18
N LYS A 141 19.44 0.71 -12.14
CA LYS A 141 20.48 1.65 -12.52
C LYS A 141 20.74 2.67 -11.43
N TRP A 142 19.68 3.08 -10.73
CA TRP A 142 19.84 4.06 -9.67
C TRP A 142 20.68 3.48 -8.55
N ARG A 143 20.43 2.22 -8.21
CA ARG A 143 21.19 1.58 -7.16
C ARG A 143 22.66 1.40 -7.59
N GLU A 144 22.86 1.04 -8.85
CA GLU A 144 24.22 0.87 -9.37
C GLU A 144 24.95 2.18 -9.20
N ALA A 145 24.20 3.29 -9.32
CA ALA A 145 24.74 4.65 -9.18
C ALA A 145 24.82 5.07 -7.71
N GLY A 146 24.49 4.14 -6.81
CA GLY A 146 24.58 4.40 -5.38
C GLY A 146 23.40 4.99 -4.64
N MSE A 147 22.26 5.13 -5.32
CA MSE A 147 21.07 5.67 -4.66
C MSE A 147 20.46 4.61 -3.74
O MSE A 147 20.53 3.42 -4.01
CB MSE A 147 19.98 6.04 -5.67
CG MSE A 147 20.26 7.17 -6.60
SE MSE A 147 20.57 8.87 -5.72
CE MSE A 147 22.47 8.96 -6.03
N LYS A 148 19.87 5.08 -2.65
CA LYS A 148 19.13 4.20 -1.77
C LYS A 148 17.70 4.34 -2.29
N VAL A 149 16.88 3.32 -2.08
CA VAL A 149 15.50 3.35 -2.58
C VAL A 149 14.54 2.92 -1.50
N TYR A 150 13.61 3.80 -1.15
CA TYR A 150 12.64 3.45 -0.14
C TYR A 150 11.26 3.61 -0.73
N ILE A 151 10.30 2.88 -0.16
CA ILE A 151 8.90 2.92 -0.59
C ILE A 151 8.03 3.60 0.45
N TYR A 152 7.07 4.43 0.02
CA TYR A 152 6.11 5.07 0.92
C TYR A 152 4.71 4.88 0.32
N SER A 153 3.89 4.09 0.98
CA SER A 153 2.54 3.82 0.45
C SER A 153 1.58 3.67 1.61
N SER A 154 0.31 3.96 1.40
CA SER A 154 -0.65 3.78 2.49
C SER A 154 -0.91 2.28 2.70
N GLY A 155 -0.47 1.47 1.74
CA GLY A 155 -0.59 0.02 1.86
C GLY A 155 0.37 -0.43 2.95
N SER A 156 -0.03 -1.40 3.78
CA SER A 156 0.84 -1.82 4.87
C SER A 156 2.19 -2.31 4.35
N VAL A 157 3.22 -2.16 5.16
CA VAL A 157 4.56 -2.59 4.76
C VAL A 157 4.57 -4.09 4.46
N GLU A 158 3.86 -4.85 5.29
CA GLU A 158 3.79 -6.29 5.10
C GLU A 158 3.22 -6.60 3.70
N ALA A 159 2.18 -5.87 3.28
CA ALA A 159 1.58 -6.05 1.96
C ALA A 159 2.56 -5.54 0.88
N GLN A 160 3.24 -4.44 1.14
CA GLN A 160 4.20 -3.92 0.17
C GLN A 160 5.25 -4.97 -0.13
N LYS A 161 5.72 -5.68 0.90
CA LYS A 161 6.76 -6.71 0.69
C LYS A 161 6.24 -7.81 -0.21
N LEU A 162 4.96 -8.16 -0.05
CA LEU A 162 4.39 -9.17 -0.91
C LEU A 162 4.37 -8.68 -2.36
N LEU A 163 4.04 -7.40 -2.60
CA LEU A 163 4.02 -6.90 -3.97
C LEU A 163 5.40 -6.96 -4.64
N PHE A 164 6.44 -6.55 -3.92
CA PHE A 164 7.77 -6.59 -4.51
C PHE A 164 8.30 -8.01 -4.60
N GLY A 165 7.90 -8.87 -3.66
CA GLY A 165 8.42 -10.23 -3.72
C GLY A 165 7.74 -11.10 -4.77
N HIS A 166 6.62 -10.61 -5.32
CA HIS A 166 5.85 -11.40 -6.33
C HIS A 166 5.36 -10.53 -7.45
N SER A 167 6.27 -9.80 -8.06
CA SER A 167 5.90 -8.89 -9.13
C SER A 167 5.88 -9.58 -10.47
N THR A 168 5.33 -8.86 -11.45
CA THR A 168 5.31 -9.34 -12.81
C THR A 168 6.76 -9.47 -13.31
N GLU A 169 7.71 -8.90 -12.57
CA GLU A 169 9.14 -8.95 -12.94
C GLU A 169 9.90 -9.93 -12.03
N GLY A 170 9.17 -10.75 -11.29
CA GLY A 170 9.82 -11.69 -10.38
C GLY A 170 10.00 -11.07 -8.99
N ASP A 171 10.92 -11.61 -8.20
CA ASP A 171 11.17 -11.11 -6.85
C ASP A 171 12.13 -9.90 -6.91
N ILE A 172 11.61 -8.71 -6.68
CA ILE A 172 12.44 -7.51 -6.73
C ILE A 172 12.63 -6.81 -5.37
N LEU A 173 12.50 -7.56 -4.29
CA LEU A 173 12.65 -7.03 -2.95
C LEU A 173 14.05 -6.44 -2.71
N GLU A 174 15.07 -7.04 -3.30
CA GLU A 174 16.45 -6.57 -3.16
C GLU A 174 16.64 -5.17 -3.75
N LEU A 175 15.68 -4.69 -4.56
CA LEU A 175 15.81 -3.35 -5.13
C LEU A 175 15.39 -2.26 -4.14
N VAL A 176 14.85 -2.69 -3.00
CA VAL A 176 14.36 -1.76 -1.98
C VAL A 176 15.12 -1.79 -0.67
N ASP A 177 15.50 -0.61 -0.17
CA ASP A 177 16.22 -0.57 1.09
C ASP A 177 15.33 -0.53 2.30
N GLY A 178 14.10 -0.07 2.11
CA GLY A 178 13.17 -0.01 3.22
C GLY A 178 11.79 0.42 2.78
N HIS A 179 10.83 0.24 3.67
CA HIS A 179 9.44 0.54 3.40
C HIS A 179 8.82 1.38 4.50
N PHE A 180 7.86 2.21 4.11
CA PHE A 180 7.10 3.04 5.04
C PHE A 180 5.64 2.98 4.67
N ASP A 181 4.75 2.96 5.70
CA ASP A 181 3.31 3.00 5.50
C ASP A 181 2.74 4.09 6.43
N THR A 182 1.43 4.10 6.64
CA THR A 182 0.83 5.16 7.45
C THR A 182 1.25 5.21 8.90
N LYS A 183 1.97 4.20 9.36
CA LYS A 183 2.44 4.25 10.76
C LYS A 183 3.41 5.40 10.95
N ILE A 184 4.12 5.80 9.90
CA ILE A 184 5.05 6.92 10.06
C ILE A 184 4.34 8.27 9.88
N GLY A 185 3.06 8.23 9.53
CA GLY A 185 2.27 9.44 9.33
C GLY A 185 1.51 9.35 8.02
N HIS A 186 0.52 10.21 7.84
CA HIS A 186 -0.27 10.20 6.62
C HIS A 186 0.43 10.94 5.50
N LYS A 187 0.23 10.44 4.28
CA LYS A 187 0.91 10.98 3.10
C LYS A 187 0.71 12.44 2.75
N VAL A 188 -0.34 13.07 3.25
CA VAL A 188 -0.55 14.48 2.94
C VAL A 188 -0.09 15.40 4.07
N GLU A 189 0.68 14.85 5.01
CA GLU A 189 1.21 15.63 6.13
C GLU A 189 2.73 15.78 5.98
N SER A 190 3.22 17.02 5.95
CA SER A 190 4.66 17.23 5.82
C SER A 190 5.52 16.58 6.93
N GLU A 191 4.98 16.49 8.14
CA GLU A 191 5.71 15.89 9.25
C GLU A 191 6.11 14.43 8.93
N SER A 192 5.27 13.75 8.15
CA SER A 192 5.56 12.37 7.78
C SER A 192 6.87 12.28 7.03
N TYR A 193 7.12 13.25 6.13
CA TYR A 193 8.36 13.21 5.36
C TYR A 193 9.58 13.56 6.21
N ARG A 194 9.38 14.41 7.23
CA ARG A 194 10.49 14.74 8.11
C ARG A 194 10.86 13.48 8.91
N LYS A 195 9.87 12.68 9.29
CA LYS A 195 10.13 11.44 10.02
C LYS A 195 10.74 10.38 9.10
N ILE A 196 10.34 10.37 7.83
CA ILE A 196 10.91 9.42 6.90
C ILE A 196 12.41 9.70 6.78
N ALA A 197 12.81 10.96 6.65
CA ALA A 197 14.24 11.30 6.56
C ALA A 197 14.96 10.80 7.84
N ASP A 198 14.32 10.98 9.01
CA ASP A 198 14.94 10.53 10.26
C ASP A 198 15.07 9.03 10.33
N SER A 199 14.04 8.32 9.86
CA SER A 199 14.09 6.87 9.88
C SER A 199 15.16 6.35 8.93
N ILE A 200 15.28 6.97 7.75
CA ILE A 200 16.29 6.56 6.77
C ILE A 200 17.67 6.92 7.29
N GLY A 201 17.75 8.05 7.97
CA GLY A 201 19.01 8.50 8.50
C GLY A 201 19.65 9.49 7.55
N CYS A 202 18.84 10.35 6.95
CA CYS A 202 19.37 11.36 6.05
C CYS A 202 18.65 12.67 6.35
N SER A 203 18.87 13.66 5.48
CA SER A 203 18.21 14.96 5.56
C SER A 203 17.04 14.95 4.57
N THR A 204 16.07 15.82 4.78
CA THR A 204 14.92 15.88 3.89
C THR A 204 15.40 16.26 2.48
N ASN A 205 16.40 17.12 2.40
CA ASN A 205 16.89 17.58 1.10
C ASN A 205 17.71 16.53 0.37
N ASN A 206 17.94 15.37 1.00
CA ASN A 206 18.68 14.28 0.34
C ASN A 206 17.68 13.38 -0.36
N ILE A 207 16.39 13.68 -0.23
CA ILE A 207 15.35 12.84 -0.81
C ILE A 207 14.61 13.39 -2.03
N LEU A 208 14.44 12.53 -3.04
CA LEU A 208 13.61 12.86 -4.21
C LEU A 208 12.45 11.85 -4.15
N PHE A 209 11.25 12.41 -3.96
CA PHE A 209 9.99 11.66 -3.83
C PHE A 209 9.24 11.67 -5.14
N LEU A 210 8.95 10.47 -5.66
CA LEU A 210 8.16 10.35 -6.89
C LEU A 210 6.75 9.91 -6.53
N THR A 211 5.76 10.69 -6.90
CA THR A 211 4.37 10.35 -6.60
C THR A 211 3.46 10.90 -7.69
N ASP A 212 2.25 10.36 -7.79
CA ASP A 212 1.29 10.84 -8.80
C ASP A 212 0.27 11.83 -8.26
N VAL A 213 0.07 11.85 -6.95
CA VAL A 213 -0.91 12.74 -6.31
C VAL A 213 -0.30 14.04 -5.83
N THR A 214 -0.80 15.16 -6.34
CA THR A 214 -0.24 16.46 -6.00
C THR A 214 -0.32 16.81 -4.52
N ARG A 215 -1.35 16.35 -3.84
CA ARG A 215 -1.47 16.65 -2.40
C ARG A 215 -0.33 16.02 -1.61
N GLU A 216 0.21 14.90 -2.12
CA GLU A 216 1.34 14.23 -1.49
C GLU A 216 2.62 15.00 -1.86
N ALA A 217 2.70 15.41 -3.11
CA ALA A 217 3.86 16.15 -3.59
C ALA A 217 3.99 17.47 -2.84
N SER A 218 2.88 18.17 -2.66
CA SER A 218 2.96 19.46 -1.97
C SER A 218 3.31 19.30 -0.47
N ALA A 219 2.85 18.22 0.16
CA ALA A 219 3.20 17.97 1.56
C ALA A 219 4.69 17.70 1.69
N ALA A 220 5.21 16.91 0.75
CA ALA A 220 6.61 16.60 0.77
C ALA A 220 7.43 17.88 0.50
N GLU A 221 7.00 18.72 -0.45
CA GLU A 221 7.77 19.93 -0.73
C GLU A 221 7.81 20.83 0.49
N GLU A 222 6.69 20.90 1.21
CA GLU A 222 6.64 21.70 2.45
C GLU A 222 7.62 21.18 3.50
N ALA A 223 8.02 19.92 3.37
CA ALA A 223 8.98 19.31 4.31
C ALA A 223 10.41 19.41 3.79
N ASP A 224 10.59 20.18 2.72
CA ASP A 224 11.91 20.39 2.11
C ASP A 224 12.47 19.11 1.49
N VAL A 225 11.56 18.36 0.87
CA VAL A 225 11.89 17.15 0.14
C VAL A 225 11.72 17.53 -1.35
N HIS A 226 12.58 16.98 -2.21
CA HIS A 226 12.49 17.26 -3.66
C HIS A 226 11.38 16.35 -4.18
N VAL A 227 10.59 16.85 -5.14
CA VAL A 227 9.48 16.04 -5.68
C VAL A 227 9.37 16.07 -7.19
N ALA A 228 8.82 14.99 -7.75
CA ALA A 228 8.55 14.91 -9.19
C ALA A 228 7.19 14.22 -9.22
N VAL A 229 6.32 14.64 -10.12
CA VAL A 229 4.99 14.03 -10.21
C VAL A 229 5.02 13.06 -11.37
N VAL A 230 4.63 11.83 -11.12
CA VAL A 230 4.60 10.77 -12.12
C VAL A 230 3.20 10.67 -12.76
N VAL A 231 3.17 10.64 -14.10
CA VAL A 231 1.94 10.58 -14.88
C VAL A 231 1.85 9.22 -15.56
N ARG A 232 0.80 8.47 -15.23
CA ARG A 232 0.60 7.14 -15.77
C ARG A 232 -0.80 6.99 -16.28
N PRO A 233 -1.03 5.95 -17.12
CA PRO A 233 -2.38 5.76 -17.63
C PRO A 233 -3.35 5.51 -16.49
N GLY A 234 -4.39 6.33 -16.46
CA GLY A 234 -5.42 6.20 -15.45
C GLY A 234 -5.30 7.11 -14.25
N ASN A 235 -4.25 7.92 -14.17
CA ASN A 235 -4.10 8.78 -13.01
C ASN A 235 -5.07 9.94 -13.04
N ALA A 236 -5.34 10.51 -11.88
CA ALA A 236 -6.22 11.68 -11.80
C ALA A 236 -5.49 12.77 -12.60
N GLY A 237 -6.24 13.59 -13.30
CA GLY A 237 -5.59 14.63 -14.08
C GLY A 237 -4.94 15.74 -13.26
N LEU A 238 -3.95 16.39 -13.84
CA LEU A 238 -3.25 17.51 -13.21
C LEU A 238 -3.86 18.82 -13.74
N THR A 239 -3.93 19.85 -12.91
CA THR A 239 -4.46 21.14 -13.36
C THR A 239 -3.37 21.78 -14.21
N ASP A 240 -3.74 22.79 -15.01
CA ASP A 240 -2.75 23.44 -15.86
C ASP A 240 -1.59 23.99 -15.05
N ASP A 241 -1.91 24.65 -13.94
CA ASP A 241 -0.87 25.23 -13.10
C ASP A 241 0.03 24.15 -12.51
N GLU A 242 -0.55 22.98 -12.21
CA GLU A 242 0.26 21.90 -11.65
C GLU A 242 1.23 21.36 -12.70
N LYS A 243 0.76 21.20 -13.94
CA LYS A 243 1.61 20.71 -15.02
C LYS A 243 2.76 21.68 -15.24
N THR A 244 2.52 22.96 -15.01
CA THR A 244 3.56 23.98 -15.20
C THR A 244 4.57 24.02 -14.04
N TYR A 245 4.03 23.92 -12.81
CA TYR A 245 4.84 23.98 -11.59
C TYR A 245 5.70 22.77 -11.27
N TYR A 246 5.10 21.58 -11.32
CA TYR A 246 5.82 20.36 -11.00
C TYR A 246 6.63 19.79 -12.14
N SER A 247 7.70 19.10 -11.80
CA SER A 247 8.51 18.42 -12.80
C SER A 247 7.71 17.14 -13.03
N LEU A 248 7.32 16.88 -14.28
CA LEU A 248 6.56 15.69 -14.61
C LEU A 248 7.39 14.67 -15.34
N ILE A 249 7.18 13.38 -15.03
CA ILE A 249 7.84 12.31 -15.75
C ILE A 249 6.81 11.26 -16.08
N THR A 250 6.89 10.69 -17.29
CA THR A 250 5.95 9.67 -17.71
C THR A 250 6.60 8.30 -17.68
N SER A 251 7.87 8.26 -17.26
CA SER A 251 8.65 7.03 -17.16
C SER A 251 9.82 7.23 -16.22
N PHE A 252 10.18 6.21 -15.44
CA PHE A 252 11.30 6.34 -14.53
C PHE A 252 12.61 6.53 -15.33
N SER A 253 12.62 6.13 -16.60
CA SER A 253 13.82 6.30 -17.43
C SER A 253 14.19 7.77 -17.61
N GLU A 254 13.21 8.65 -17.43
CA GLU A 254 13.43 10.09 -17.56
C GLU A 254 14.18 10.76 -16.44
N LEU A 255 14.50 10.04 -15.38
CA LEU A 255 15.24 10.61 -14.27
C LEU A 255 16.72 10.43 -14.62
N TYR A 256 17.47 11.53 -14.58
CA TYR A 256 18.91 11.50 -14.85
C TYR A 256 19.66 11.77 -13.55
N LEU A 257 20.61 10.90 -13.19
CA LEU A 257 21.40 11.11 -11.98
C LEU A 257 22.74 11.73 -12.34
MG MG B . -0.13 7.27 -5.83
MG MG C . 15.52 14.99 10.82
MG MG D . 17.93 22.99 0.01
#